data_5ERN
#
_entry.id   5ERN
#
_cell.length_a   104.867
_cell.length_b   104.867
_cell.length_c   140.458
_cell.angle_alpha   90.00
_cell.angle_beta   90.00
_cell.angle_gamma   120.00
#
_symmetry.space_group_name_H-M   'P 3 2 1'
#
loop_
_entity.id
_entity.type
_entity.pdbx_description
1 polymer 'Fusicoccadiene synthase'
2 water water
#
_entity_poly.entity_id   1
_entity_poly.type   'polypeptide(L)'
_entity_poly.pdbx_seq_one_letter_code
;MGSSHHHHHHSSGLVPRGSLSTGLSLSPVHSNEGKDLQRVDTDHIFFEKAVLEAPYDYIASMPSKGVRDQFIDALNDWLR
VPDVKVGKIKDAVRVLHNSSLLLDDFQDNSPLRRGKPSTHNIFGSAQTVNTATYSIIKAIGQIMEFSAGESVQEVMNSIM
ILFQGQAMDLFWTYNGHVPSEEEYYRMIDQKTGQLFSIATSLLLNAADNEIPRTKIQSCLHRLTRLLGRCFQIRDDYQNL
VSADYTKQKGFCEDLDEGKWSLALIHMIHKQRSHMALLNVLSTGRKHGGMTLEQKQFVLDIIEEEKSLDYTRSVMMDLHV
QLRAEIGRIEILLDSPNPAMRLLLELLRV
;
_entity_poly.pdbx_strand_id   A,B
#
# COMPACT_ATOMS: atom_id res chain seq x y z
N ASP A 43 0.75 -17.14 19.98
CA ASP A 43 1.95 -17.84 20.41
C ASP A 43 3.20 -17.23 19.77
N HIS A 44 3.51 -17.66 18.56
CA HIS A 44 4.58 -17.07 17.77
C HIS A 44 3.97 -16.02 16.83
N ILE A 45 2.66 -16.12 16.62
CA ILE A 45 1.95 -15.20 15.74
C ILE A 45 1.83 -13.81 16.35
N PHE A 46 1.83 -13.75 17.67
CA PHE A 46 1.83 -12.45 18.35
C PHE A 46 3.13 -11.72 18.06
N PHE A 47 4.21 -12.47 17.93
CA PHE A 47 5.50 -11.89 17.59
C PHE A 47 5.50 -11.35 16.17
N GLU A 48 4.92 -12.13 15.25
CA GLU A 48 4.84 -11.73 13.85
C GLU A 48 4.02 -10.46 13.67
N LYS A 49 2.91 -10.37 14.40
CA LYS A 49 2.05 -9.19 14.35
C LYS A 49 2.79 -7.97 14.91
N ALA A 50 3.60 -8.20 15.93
CA ALA A 50 4.36 -7.12 16.56
C ALA A 50 5.43 -6.58 15.61
N VAL A 51 5.97 -7.45 14.77
CA VAL A 51 6.90 -7.04 13.74
C VAL A 51 6.18 -6.19 12.69
N LEU A 52 5.04 -6.69 12.24
CA LEU A 52 4.25 -6.05 11.19
C LEU A 52 3.77 -4.65 11.56
N GLU A 53 3.45 -4.45 12.83
CA GLU A 53 2.85 -3.20 13.28
C GLU A 53 3.82 -2.30 14.05
N ALA A 54 5.08 -2.72 14.13
CA ALA A 54 6.09 -1.93 14.82
C ALA A 54 6.30 -0.54 14.20
N PRO A 55 6.43 -0.45 12.85
CA PRO A 55 6.56 0.91 12.30
C PRO A 55 5.31 1.77 12.48
N TYR A 56 4.13 1.16 12.55
CA TYR A 56 2.91 1.94 12.74
C TYR A 56 2.83 2.49 14.15
N ASP A 57 3.10 1.64 15.14
CA ASP A 57 3.07 2.04 16.54
C ASP A 57 4.03 3.19 16.81
N TYR A 58 5.05 3.30 15.96
CA TYR A 58 6.09 4.31 16.10
C TYR A 58 5.53 5.73 15.92
N ILE A 59 4.96 6.01 14.75
CA ILE A 59 4.43 7.34 14.46
C ILE A 59 3.08 7.58 15.13
N ALA A 60 2.42 6.51 15.54
CA ALA A 60 1.10 6.61 16.16
C ALA A 60 1.18 7.22 17.57
N SER A 61 2.39 7.33 18.10
CA SER A 61 2.59 7.87 19.43
C SER A 61 2.94 9.37 19.37
N MET A 62 3.14 9.87 18.16
CA MET A 62 3.43 11.28 17.95
C MET A 62 2.22 12.15 18.27
N PRO A 63 2.46 13.42 18.64
CA PRO A 63 1.36 14.38 18.84
C PRO A 63 0.64 14.64 17.52
N SER A 64 -0.69 14.49 17.52
CA SER A 64 -1.46 14.56 16.29
C SER A 64 -1.82 15.99 15.87
N LYS A 65 -2.02 16.86 16.85
CA LYS A 65 -2.60 18.18 16.62
C LYS A 65 -3.94 17.99 15.92
N GLY A 66 -4.86 17.36 16.62
CA GLY A 66 -6.08 16.84 16.03
C GLY A 66 -7.15 17.84 15.63
N VAL A 67 -6.96 18.46 14.46
CA VAL A 67 -8.01 19.29 13.87
C VAL A 67 -9.15 18.40 13.41
N ARG A 68 -8.78 17.23 12.88
CA ARG A 68 -9.73 16.25 12.35
C ARG A 68 -10.72 15.77 13.42
N ASP A 69 -10.19 15.45 14.61
CA ASP A 69 -11.02 14.97 15.70
C ASP A 69 -11.90 16.10 16.24
N GLN A 70 -11.39 17.33 16.19
CA GLN A 70 -12.16 18.48 16.62
C GLN A 70 -13.29 18.74 15.64
N PHE A 71 -13.04 18.42 14.36
CA PHE A 71 -14.05 18.54 13.32
C PHE A 71 -15.16 17.49 13.51
N ILE A 72 -14.75 16.26 13.80
CA ILE A 72 -15.69 15.17 14.02
C ILE A 72 -16.57 15.44 15.24
N ASP A 73 -15.95 15.95 16.29
CA ASP A 73 -16.67 16.36 17.49
C ASP A 73 -17.69 17.46 17.18
N ALA A 74 -17.26 18.44 16.38
CA ALA A 74 -18.14 19.54 16.00
C ALA A 74 -19.28 19.03 15.12
N LEU A 75 -18.95 18.11 14.22
CA LEU A 75 -19.94 17.51 13.34
C LEU A 75 -20.99 16.72 14.14
N ASN A 76 -20.53 16.04 15.19
CA ASN A 76 -21.39 15.19 16.01
C ASN A 76 -22.31 15.99 16.93
N ASP A 77 -22.06 17.29 17.07
CA ASP A 77 -22.95 18.14 17.85
C ASP A 77 -24.28 18.31 17.09
N TRP A 78 -24.23 18.04 15.79
CA TRP A 78 -25.43 18.01 14.96
C TRP A 78 -25.99 16.60 14.87
N LEU A 79 -25.16 15.67 14.43
CA LEU A 79 -25.59 14.32 14.10
C LEU A 79 -25.84 13.46 15.34
N ARG A 80 -25.15 13.77 16.44
CA ARG A 80 -25.32 13.08 17.72
C ARG A 80 -25.21 11.56 17.60
N VAL A 81 -24.16 11.11 16.93
CA VAL A 81 -23.84 9.70 16.82
C VAL A 81 -23.33 9.19 18.17
N PRO A 82 -23.77 7.98 18.58
CA PRO A 82 -23.32 7.35 19.83
C PRO A 82 -21.80 7.38 20.02
N ASP A 83 -21.36 7.72 21.24
CA ASP A 83 -19.95 7.89 21.55
C ASP A 83 -19.10 6.70 21.14
N VAL A 84 -19.66 5.51 21.30
CA VAL A 84 -18.95 4.28 20.93
C VAL A 84 -18.65 4.27 19.43
N LYS A 85 -19.59 4.77 18.62
CA LYS A 85 -19.45 4.73 17.17
C LYS A 85 -18.46 5.77 16.62
N VAL A 86 -18.51 6.99 17.16
CA VAL A 86 -17.60 8.03 16.70
C VAL A 86 -16.17 7.69 17.11
N GLY A 87 -16.04 6.90 18.17
CA GLY A 87 -14.74 6.43 18.62
C GLY A 87 -14.10 5.55 17.57
N LYS A 88 -14.87 4.59 17.07
CA LYS A 88 -14.40 3.69 16.02
C LYS A 88 -14.15 4.44 14.72
N ILE A 89 -14.97 5.45 14.45
CA ILE A 89 -14.82 6.25 13.24
C ILE A 89 -13.56 7.11 13.33
N LYS A 90 -13.33 7.70 14.50
CA LYS A 90 -12.08 8.43 14.76
C LYS A 90 -10.87 7.51 14.59
N ASP A 91 -10.97 6.32 15.17
CA ASP A 91 -9.89 5.34 15.11
C ASP A 91 -9.60 4.95 13.66
N ALA A 92 -10.65 4.83 12.86
CA ALA A 92 -10.53 4.41 11.48
C ALA A 92 -9.80 5.45 10.62
N VAL A 93 -10.24 6.70 10.70
CA VAL A 93 -9.65 7.76 9.89
C VAL A 93 -8.24 8.11 10.37
N ARG A 94 -7.96 7.86 11.64
CA ARG A 94 -6.63 8.12 12.19
C ARG A 94 -5.62 7.12 11.62
N VAL A 95 -6.00 5.84 11.62
CA VAL A 95 -5.19 4.80 11.00
C VAL A 95 -4.96 5.16 9.54
N LEU A 96 -6.04 5.60 8.89
CA LEU A 96 -5.98 6.03 7.50
C LEU A 96 -5.04 7.22 7.33
N HIS A 97 -5.11 8.16 8.27
CA HIS A 97 -4.24 9.34 8.22
C HIS A 97 -2.80 8.98 8.53
N ASN A 98 -2.58 8.16 9.56
CA ASN A 98 -1.24 7.74 9.92
C ASN A 98 -0.55 6.98 8.80
N SER A 99 -1.29 6.07 8.18
CA SER A 99 -0.78 5.28 7.07
C SER A 99 -0.44 6.17 5.88
N SER A 100 -1.19 7.25 5.72
CA SER A 100 -0.90 8.23 4.68
C SER A 100 0.47 8.86 4.93
N LEU A 101 0.75 9.17 6.20
CA LEU A 101 2.01 9.79 6.59
C LEU A 101 3.18 8.85 6.34
N LEU A 102 3.02 7.58 6.69
CA LEU A 102 4.05 6.57 6.47
C LEU A 102 4.40 6.45 4.99
N LEU A 103 3.39 6.44 4.15
CA LEU A 103 3.59 6.38 2.71
C LEU A 103 4.21 7.66 2.19
N ASP A 104 3.90 8.78 2.84
CA ASP A 104 4.44 10.07 2.43
C ASP A 104 5.88 10.22 2.85
N ASP A 105 6.20 9.83 4.08
CA ASP A 105 7.51 10.11 4.64
C ASP A 105 8.41 8.87 4.72
N PHE A 106 8.19 7.90 3.84
CA PHE A 106 8.98 6.66 3.90
C PHE A 106 10.42 6.88 3.44
N GLN A 107 10.70 8.06 2.89
CA GLN A 107 12.03 8.40 2.42
C GLN A 107 12.67 9.50 3.25
N ASP A 108 11.87 10.14 4.10
CA ASP A 108 12.32 11.28 4.88
C ASP A 108 13.47 10.94 5.82
N ASN A 109 14.47 11.81 5.87
CA ASN A 109 15.63 11.61 6.71
C ASN A 109 15.64 12.52 7.94
N SER A 110 14.88 13.61 7.88
CA SER A 110 14.81 14.55 8.97
C SER A 110 14.06 13.99 10.17
N PRO A 111 14.60 14.18 11.38
CA PRO A 111 13.99 13.67 12.62
C PRO A 111 12.66 14.36 12.93
N LEU A 112 11.79 13.66 13.66
CA LEU A 112 10.49 14.20 14.04
C LEU A 112 10.60 15.08 15.28
N ARG A 113 11.06 14.47 16.37
CA ARG A 113 11.18 15.17 17.64
C ARG A 113 12.62 15.24 18.14
N ARG A 114 12.77 15.29 19.46
CA ARG A 114 14.10 15.43 20.08
C ARG A 114 14.96 14.19 19.86
N GLY A 115 14.43 13.03 20.24
CA GLY A 115 15.13 11.78 20.10
C GLY A 115 14.34 10.80 19.24
N LYS A 116 13.49 11.36 18.39
CA LYS A 116 12.65 10.54 17.53
C LYS A 116 12.97 10.80 16.07
N PRO A 117 13.81 9.96 15.47
CA PRO A 117 14.12 10.03 14.05
C PRO A 117 12.90 9.71 13.19
N SER A 118 12.96 10.00 11.90
CA SER A 118 11.88 9.61 10.99
C SER A 118 11.74 8.09 11.01
N THR A 119 10.52 7.61 10.78
CA THR A 119 10.24 6.17 10.78
C THR A 119 11.17 5.44 9.81
N HIS A 120 11.47 6.10 8.69
CA HIS A 120 12.40 5.59 7.71
C HIS A 120 13.78 5.34 8.33
N ASN A 121 14.17 6.19 9.27
CA ASN A 121 15.48 6.08 9.90
C ASN A 121 15.51 5.08 11.05
N ILE A 122 14.40 4.37 11.26
CA ILE A 122 14.35 3.30 12.25
C ILE A 122 14.24 1.95 11.55
N PHE A 123 13.26 1.83 10.65
CA PHE A 123 12.93 0.55 10.04
C PHE A 123 13.35 0.42 8.58
N GLY A 124 13.76 1.54 7.98
CA GLY A 124 14.05 1.55 6.55
C GLY A 124 12.79 1.75 5.74
N SER A 125 12.95 2.03 4.45
CA SER A 125 11.82 2.34 3.58
C SER A 125 10.90 1.14 3.37
N ALA A 126 11.48 -0.03 3.13
CA ALA A 126 10.73 -1.23 2.77
C ALA A 126 9.72 -1.64 3.86
N GLN A 127 10.19 -1.72 5.10
CA GLN A 127 9.34 -2.09 6.22
C GLN A 127 8.27 -1.05 6.48
N THR A 128 8.63 0.22 6.32
CA THR A 128 7.70 1.34 6.49
C THR A 128 6.57 1.27 5.47
N VAL A 129 6.93 1.06 4.22
CA VAL A 129 5.96 0.99 3.14
C VAL A 129 5.03 -0.21 3.31
N ASN A 130 5.61 -1.34 3.69
CA ASN A 130 4.84 -2.57 3.85
C ASN A 130 3.83 -2.49 5.00
N THR A 131 4.26 -1.93 6.12
CA THR A 131 3.37 -1.71 7.26
C THR A 131 2.26 -0.73 6.91
N ALA A 132 2.61 0.31 6.15
CA ALA A 132 1.66 1.32 5.75
C ALA A 132 0.54 0.74 4.90
N THR A 133 0.91 -0.04 3.88
CA THR A 133 -0.07 -0.65 2.98
C THR A 133 -1.00 -1.61 3.72
N TYR A 134 -0.42 -2.38 4.64
CA TYR A 134 -1.19 -3.29 5.47
C TYR A 134 -2.19 -2.55 6.35
N SER A 135 -1.75 -1.42 6.90
CA SER A 135 -2.56 -0.65 7.83
C SER A 135 -3.79 -0.04 7.16
N ILE A 136 -3.64 0.34 5.90
CA ILE A 136 -4.75 0.88 5.11
C ILE A 136 -5.82 -0.20 4.89
N ILE A 137 -5.38 -1.40 4.54
CA ILE A 137 -6.28 -2.52 4.32
C ILE A 137 -7.00 -2.91 5.60
N LYS A 138 -6.27 -2.88 6.72
CA LYS A 138 -6.87 -3.18 8.01
C LYS A 138 -7.90 -2.11 8.38
N ALA A 139 -7.59 -0.86 8.04
CA ALA A 139 -8.50 0.25 8.30
C ALA A 139 -9.81 0.06 7.54
N ILE A 140 -9.69 -0.35 6.27
CA ILE A 140 -10.85 -0.60 5.43
C ILE A 140 -11.69 -1.75 5.99
N GLY A 141 -11.02 -2.77 6.50
CA GLY A 141 -11.71 -3.87 7.14
C GLY A 141 -12.48 -3.42 8.36
N GLN A 142 -11.91 -2.48 9.11
CA GLN A 142 -12.54 -1.93 10.30
C GLN A 142 -13.76 -1.08 9.93
N ILE A 143 -13.66 -0.40 8.80
CA ILE A 143 -14.73 0.47 8.31
C ILE A 143 -15.96 -0.35 7.91
N MET A 144 -15.72 -1.56 7.42
CA MET A 144 -16.76 -2.43 6.90
C MET A 144 -17.76 -2.90 7.94
N GLU A 145 -17.53 -2.53 9.20
CA GLU A 145 -18.46 -2.84 10.27
C GLU A 145 -19.57 -1.77 10.34
N PHE A 146 -19.21 -0.52 10.06
CA PHE A 146 -20.19 0.55 10.03
C PHE A 146 -20.77 0.66 8.62
N SER A 151 -22.29 0.38 1.10
CA SER A 151 -21.90 -0.86 0.44
C SER A 151 -20.39 -1.02 0.41
N VAL A 152 -19.92 -2.05 -0.28
CA VAL A 152 -18.50 -2.36 -0.34
C VAL A 152 -17.78 -1.52 -1.40
N GLN A 153 -18.35 -1.45 -2.59
CA GLN A 153 -17.74 -0.72 -3.69
C GLN A 153 -17.65 0.78 -3.40
N GLU A 154 -18.64 1.32 -2.69
CA GLU A 154 -18.66 2.74 -2.34
C GLU A 154 -17.55 3.08 -1.36
N VAL A 155 -17.36 2.25 -0.34
CA VAL A 155 -16.32 2.45 0.65
C VAL A 155 -14.93 2.38 0.00
N MET A 156 -14.75 1.39 -0.87
CA MET A 156 -13.49 1.20 -1.57
C MET A 156 -13.17 2.40 -2.46
N ASN A 157 -14.18 2.89 -3.17
CA ASN A 157 -14.02 4.04 -4.06
C ASN A 157 -13.64 5.31 -3.31
N SER A 158 -14.20 5.49 -2.13
CA SER A 158 -13.92 6.68 -1.33
C SER A 158 -12.45 6.72 -0.90
N ILE A 159 -11.91 5.56 -0.54
CA ILE A 159 -10.50 5.46 -0.19
C ILE A 159 -9.60 5.66 -1.40
N MET A 160 -10.00 5.08 -2.54
CA MET A 160 -9.19 5.11 -3.75
C MET A 160 -9.01 6.52 -4.30
N ILE A 161 -9.97 7.40 -4.02
CA ILE A 161 -9.87 8.81 -4.43
C ILE A 161 -8.66 9.47 -3.79
N LEU A 162 -8.37 9.08 -2.55
CA LEU A 162 -7.20 9.58 -1.82
C LEU A 162 -5.91 9.35 -2.60
N PHE A 163 -5.82 8.18 -3.23
CA PHE A 163 -4.62 7.82 -3.98
C PHE A 163 -4.61 8.46 -5.35
N GLN A 164 -5.78 8.87 -5.84
CA GLN A 164 -5.85 9.65 -7.06
C GLN A 164 -5.26 11.03 -6.79
N GLY A 165 -5.55 11.57 -5.61
CA GLY A 165 -5.02 12.85 -5.21
C GLY A 165 -3.52 12.82 -5.03
N GLN A 166 -3.04 11.81 -4.31
CA GLN A 166 -1.62 11.65 -4.06
C GLN A 166 -0.83 11.46 -5.35
N ALA A 167 -1.44 10.74 -6.29
CA ALA A 167 -0.85 10.49 -7.59
C ALA A 167 -0.51 11.80 -8.30
N MET A 168 -1.46 12.73 -8.30
CA MET A 168 -1.26 14.02 -8.93
C MET A 168 -0.19 14.84 -8.21
N ASP A 169 -0.18 14.76 -6.88
CA ASP A 169 0.81 15.49 -6.08
C ASP A 169 2.21 14.95 -6.34
N LEU A 170 2.33 13.63 -6.34
CA LEU A 170 3.60 12.96 -6.61
C LEU A 170 4.07 13.20 -8.05
N PHE A 171 3.12 13.15 -8.99
CA PHE A 171 3.42 13.35 -10.40
C PHE A 171 3.97 14.74 -10.68
N TRP A 172 3.32 15.74 -10.10
CA TRP A 172 3.72 17.13 -10.27
C TRP A 172 5.06 17.42 -9.62
N THR A 173 5.27 16.86 -8.44
CA THR A 173 6.52 17.04 -7.72
C THR A 173 7.70 16.45 -8.48
N TYR A 174 7.50 15.24 -9.01
CA TYR A 174 8.58 14.49 -9.65
C TYR A 174 8.98 15.10 -11.00
N ASN A 175 8.02 15.67 -11.72
CA ASN A 175 8.28 16.20 -13.05
C ASN A 175 8.33 17.72 -13.10
N GLY A 176 8.35 18.36 -11.93
CA GLY A 176 8.56 19.79 -11.83
C GLY A 176 7.44 20.69 -12.30
N HIS A 177 6.20 20.24 -12.11
CA HIS A 177 5.06 21.08 -12.42
C HIS A 177 4.55 21.78 -11.17
N VAL A 178 4.43 23.10 -11.25
CA VAL A 178 3.79 23.87 -10.21
C VAL A 178 2.30 23.91 -10.50
N PRO A 179 1.49 23.33 -9.59
CA PRO A 179 0.04 23.27 -9.82
C PRO A 179 -0.58 24.66 -9.85
N SER A 180 -1.53 24.87 -10.74
CA SER A 180 -2.30 26.11 -10.71
C SER A 180 -3.16 26.11 -9.46
N GLU A 181 -3.74 27.26 -9.13
CA GLU A 181 -4.58 27.37 -7.93
C GLU A 181 -5.77 26.42 -8.05
N GLU A 182 -6.28 26.27 -9.26
CA GLU A 182 -7.40 25.39 -9.56
C GLU A 182 -7.05 23.93 -9.36
N GLU A 183 -5.88 23.53 -9.84
CA GLU A 183 -5.42 22.16 -9.68
C GLU A 183 -5.04 21.87 -8.23
N TYR A 184 -4.49 22.88 -7.56
CA TYR A 184 -4.15 22.81 -6.15
C TYR A 184 -5.39 22.47 -5.33
N TYR A 185 -6.49 23.12 -5.66
CA TYR A 185 -7.77 22.90 -4.96
C TYR A 185 -8.32 21.51 -5.23
N ARG A 186 -8.26 21.07 -6.49
CA ARG A 186 -8.79 19.76 -6.86
C ARG A 186 -8.01 18.64 -6.18
N MET A 187 -6.70 18.85 -6.02
CA MET A 187 -5.85 17.90 -5.34
C MET A 187 -6.21 17.82 -3.85
N ILE A 188 -6.43 18.98 -3.24
CA ILE A 188 -6.82 19.05 -1.84
C ILE A 188 -8.16 18.36 -1.61
N ASP A 189 -9.09 18.58 -2.53
CA ASP A 189 -10.41 17.96 -2.45
C ASP A 189 -10.33 16.43 -2.49
N GLN A 190 -9.32 15.92 -3.18
CA GLN A 190 -9.17 14.48 -3.38
C GLN A 190 -8.38 13.78 -2.28
N LYS A 191 -7.93 14.53 -1.28
CA LYS A 191 -7.15 13.97 -0.18
C LYS A 191 -7.61 14.48 1.19
N THR A 192 -7.07 15.63 1.59
CA THR A 192 -7.39 16.25 2.87
C THR A 192 -8.90 16.52 2.99
N GLY A 193 -9.49 17.00 1.91
CA GLY A 193 -10.93 17.16 1.86
C GLY A 193 -11.63 15.82 1.79
N GLN A 194 -11.04 14.87 1.07
CA GLN A 194 -11.64 13.56 0.89
C GLN A 194 -11.65 12.76 2.19
N LEU A 195 -10.55 12.83 2.94
CA LEU A 195 -10.46 12.14 4.23
C LEU A 195 -11.51 12.71 5.18
N PHE A 196 -11.69 14.02 5.11
CA PHE A 196 -12.73 14.71 5.88
C PHE A 196 -14.11 14.24 5.44
N SER A 197 -14.28 14.03 4.13
CA SER A 197 -15.54 13.59 3.57
C SER A 197 -15.90 12.17 4.02
N ILE A 198 -14.90 11.31 4.08
CA ILE A 198 -15.08 9.94 4.55
C ILE A 198 -15.62 9.93 5.98
N ALA A 199 -15.05 10.78 6.83
CA ALA A 199 -15.51 10.91 8.21
C ALA A 199 -16.96 11.38 8.27
N THR A 200 -17.29 12.37 7.45
CA THR A 200 -18.64 12.94 7.41
C THR A 200 -19.68 11.89 6.99
N SER A 201 -19.34 11.13 5.96
CA SER A 201 -20.23 10.09 5.44
C SER A 201 -20.49 9.00 6.47
N LEU A 202 -19.44 8.56 7.14
CA LEU A 202 -19.56 7.52 8.16
C LEU A 202 -20.44 7.98 9.31
N LEU A 203 -20.32 9.25 9.68
CA LEU A 203 -21.10 9.83 10.76
C LEU A 203 -22.56 9.98 10.37
N LEU A 204 -22.79 10.43 9.14
CA LEU A 204 -24.14 10.57 8.60
C LEU A 204 -24.86 9.23 8.59
N ASN A 205 -24.12 8.17 8.25
CA ASN A 205 -24.66 6.83 8.22
C ASN A 205 -25.12 6.34 9.59
N ALA A 206 -24.45 6.80 10.64
CA ALA A 206 -24.76 6.37 11.99
C ALA A 206 -25.43 7.47 12.80
N ALA A 207 -25.96 8.47 12.10
CA ALA A 207 -26.58 9.63 12.74
C ALA A 207 -27.85 9.25 13.50
N ASP A 208 -28.16 10.01 14.54
CA ASP A 208 -29.34 9.81 15.37
C ASP A 208 -30.61 9.82 14.51
N ASN A 209 -31.61 9.05 14.91
CA ASN A 209 -32.80 8.84 14.08
C ASN A 209 -33.69 10.08 13.94
N GLU A 210 -33.44 11.09 14.76
CA GLU A 210 -34.28 12.29 14.76
C GLU A 210 -33.68 13.43 13.94
N ILE A 211 -32.63 13.13 13.17
CA ILE A 211 -32.09 14.13 12.26
C ILE A 211 -32.34 13.69 10.81
N PRO A 212 -32.73 14.64 9.96
CA PRO A 212 -33.03 14.38 8.55
C PRO A 212 -31.77 14.33 7.68
N ARG A 213 -31.30 13.13 7.38
CA ARG A 213 -30.06 12.94 6.63
C ARG A 213 -30.13 13.46 5.20
N THR A 214 -31.29 13.29 4.56
CA THR A 214 -31.45 13.64 3.15
C THR A 214 -31.50 15.16 2.94
N LYS A 215 -32.09 15.88 3.88
CA LYS A 215 -32.16 17.33 3.80
C LYS A 215 -30.81 17.99 4.08
N ILE A 216 -29.90 17.22 4.69
CA ILE A 216 -28.68 17.77 5.24
C ILE A 216 -27.42 17.33 4.49
N GLN A 217 -27.47 16.13 3.92
CA GLN A 217 -26.34 15.56 3.18
C GLN A 217 -25.74 16.53 2.18
N SER A 218 -26.61 17.30 1.53
CA SER A 218 -26.19 18.31 0.55
C SER A 218 -25.24 19.33 1.16
N CYS A 219 -25.74 20.10 2.12
CA CYS A 219 -24.96 21.16 2.76
C CYS A 219 -23.75 20.61 3.52
N LEU A 220 -23.88 19.40 4.05
CA LEU A 220 -22.86 18.82 4.91
C LEU A 220 -21.56 18.52 4.16
N HIS A 221 -21.69 18.07 2.91
CA HIS A 221 -20.51 17.72 2.10
C HIS A 221 -19.91 18.95 1.43
N ARG A 222 -20.74 19.96 1.17
CA ARG A 222 -20.23 21.22 0.67
C ARG A 222 -19.41 21.87 1.77
N LEU A 223 -19.91 21.77 3.00
CA LEU A 223 -19.21 22.27 4.18
C LEU A 223 -17.88 21.56 4.37
N THR A 224 -17.91 20.24 4.26
CA THR A 224 -16.73 19.41 4.45
C THR A 224 -15.63 19.70 3.44
N ARG A 225 -16.02 19.88 2.17
CA ARG A 225 -15.06 20.16 1.11
C ARG A 225 -14.38 21.51 1.33
N LEU A 226 -15.18 22.50 1.71
CA LEU A 226 -14.67 23.85 1.94
C LEU A 226 -13.80 23.92 3.20
N LEU A 227 -14.14 23.10 4.20
CA LEU A 227 -13.41 23.11 5.46
C LEU A 227 -12.02 22.48 5.29
N GLY A 228 -11.96 21.38 4.55
CA GLY A 228 -10.70 20.70 4.30
C GLY A 228 -9.76 21.59 3.50
N ARG A 229 -10.31 22.28 2.50
CA ARG A 229 -9.55 23.24 1.71
C ARG A 229 -9.01 24.36 2.60
N CYS A 230 -9.86 24.87 3.48
CA CYS A 230 -9.47 25.95 4.38
C CYS A 230 -8.40 25.48 5.37
N PHE A 231 -8.51 24.24 5.81
CA PHE A 231 -7.55 23.66 6.74
C PHE A 231 -6.20 23.43 6.06
N GLN A 232 -6.23 22.99 4.80
CA GLN A 232 -5.00 22.69 4.08
C GLN A 232 -4.25 23.96 3.71
N ILE A 233 -4.99 24.96 3.23
CA ILE A 233 -4.41 26.26 2.90
C ILE A 233 -3.76 26.89 4.13
N ARG A 234 -4.47 26.82 5.25
CA ARG A 234 -3.96 27.33 6.52
C ARG A 234 -2.68 26.60 6.90
N ASP A 235 -2.69 25.29 6.72
CA ASP A 235 -1.57 24.46 7.15
C ASP A 235 -0.33 24.65 6.28
N ASP A 236 -0.53 24.72 4.96
CA ASP A 236 0.57 24.96 4.02
C ASP A 236 1.20 26.32 4.27
N TYR A 237 0.41 27.22 4.86
CA TYR A 237 0.87 28.56 5.20
C TYR A 237 1.78 28.54 6.41
N GLN A 238 1.62 27.52 7.27
CA GLN A 238 2.35 27.47 8.54
C GLN A 238 3.76 26.92 8.41
N ASN A 239 4.48 27.36 7.40
CA ASN A 239 5.93 27.23 7.35
C ASN A 239 6.48 28.61 7.07
N LEU A 240 5.83 29.27 6.11
CA LEU A 240 6.25 30.57 5.63
C LEU A 240 5.84 31.67 6.60
N GLY A 258 2.27 19.60 3.56
CA GLY A 258 2.22 19.70 2.12
C GLY A 258 3.54 20.17 1.53
N LYS A 259 3.60 20.24 0.21
CA LYS A 259 4.83 20.66 -0.46
C LYS A 259 4.70 22.07 -1.03
N TRP A 260 3.46 22.55 -1.14
CA TRP A 260 3.21 23.85 -1.74
C TRP A 260 2.57 24.82 -0.77
N SER A 261 2.17 25.97 -1.29
CA SER A 261 1.41 26.96 -0.55
C SER A 261 0.60 27.78 -1.56
N LEU A 262 -0.46 28.43 -1.10
CA LEU A 262 -1.28 29.24 -1.99
C LEU A 262 -0.50 30.46 -2.47
N ALA A 263 0.34 30.99 -1.61
CA ALA A 263 1.17 32.14 -1.95
C ALA A 263 2.17 31.80 -3.04
N LEU A 264 2.91 30.72 -2.83
CA LEU A 264 3.93 30.28 -3.78
C LEU A 264 3.33 29.99 -5.16
N ILE A 265 2.20 29.28 -5.16
CA ILE A 265 1.51 28.93 -6.39
C ILE A 265 1.02 30.16 -7.15
N HIS A 266 0.43 31.10 -6.42
CA HIS A 266 -0.10 32.32 -7.03
C HIS A 266 1.02 33.16 -7.61
N MET A 267 2.11 33.30 -6.85
CA MET A 267 3.25 34.12 -7.27
C MET A 267 3.84 33.66 -8.60
N ILE A 268 3.99 32.36 -8.75
CA ILE A 268 4.52 31.77 -9.97
C ILE A 268 3.62 32.05 -11.17
N HIS A 269 2.32 31.88 -10.96
CA HIS A 269 1.36 31.91 -12.06
C HIS A 269 0.78 33.29 -12.38
N LYS A 270 0.85 34.21 -11.43
CA LYS A 270 0.17 35.50 -11.58
C LYS A 270 0.82 36.43 -12.61
N GLN A 271 2.07 36.84 -12.36
CA GLN A 271 2.60 37.99 -13.09
C GLN A 271 4.02 37.84 -13.67
N ARG A 272 5.02 38.12 -12.84
CA ARG A 272 6.35 38.48 -13.35
C ARG A 272 7.47 37.49 -13.11
N SER A 273 8.54 37.72 -13.88
CA SER A 273 9.75 36.90 -13.85
C SER A 273 10.45 36.95 -12.50
N HIS A 274 10.59 35.80 -11.87
CA HIS A 274 11.49 35.64 -10.74
C HIS A 274 12.42 34.48 -11.03
N MET A 275 13.38 34.73 -11.92
CA MET A 275 14.35 33.74 -12.38
C MET A 275 15.01 33.02 -11.21
N ALA A 276 15.38 33.77 -10.19
CA ALA A 276 16.00 33.21 -9.00
C ALA A 276 15.11 32.15 -8.36
N LEU A 277 13.81 32.43 -8.29
CA LEU A 277 12.86 31.51 -7.67
C LEU A 277 12.71 30.21 -8.45
N LEU A 278 12.52 30.31 -9.76
CA LEU A 278 12.40 29.15 -10.62
C LEU A 278 13.58 28.21 -10.46
N ASN A 279 14.77 28.79 -10.33
CA ASN A 279 16.00 28.03 -10.33
C ASN A 279 16.32 27.31 -9.02
N VAL A 280 15.94 27.88 -7.87
CA VAL A 280 16.13 27.17 -6.61
C VAL A 280 15.22 25.95 -6.54
N LEU A 281 14.00 26.12 -7.01
CA LEU A 281 13.01 25.04 -7.01
C LEU A 281 13.52 23.87 -7.85
N SER A 282 14.07 24.18 -9.00
CA SER A 282 14.68 23.16 -9.86
C SER A 282 15.88 22.52 -9.15
N THR A 283 16.63 23.33 -8.41
CA THR A 283 17.80 22.84 -7.67
C THR A 283 17.38 21.89 -6.55
N GLY A 284 16.38 22.29 -5.77
CA GLY A 284 15.87 21.45 -4.72
C GLY A 284 15.24 20.19 -5.28
N ARG A 285 14.55 20.34 -6.40
CA ARG A 285 13.91 19.22 -7.08
C ARG A 285 14.93 18.16 -7.48
N LYS A 286 16.09 18.62 -7.96
CA LYS A 286 17.17 17.71 -8.33
C LYS A 286 17.79 17.04 -7.11
N HIS A 287 17.64 17.67 -5.95
CA HIS A 287 18.27 17.20 -4.73
C HIS A 287 17.29 16.56 -3.76
N GLY A 288 16.03 16.41 -4.20
CA GLY A 288 14.99 15.87 -3.35
C GLY A 288 14.67 16.76 -2.17
N GLY A 289 14.55 18.06 -2.43
CA GLY A 289 14.24 19.02 -1.40
C GLY A 289 15.28 20.12 -1.30
N MET A 290 14.91 21.26 -0.74
CA MET A 290 15.83 22.38 -0.61
C MET A 290 16.46 22.43 0.77
N THR A 291 17.65 23.02 0.85
CA THR A 291 18.32 23.22 2.13
C THR A 291 17.62 24.32 2.92
N LEU A 292 18.13 24.60 4.12
CA LEU A 292 17.53 25.60 4.99
C LEU A 292 17.66 27.01 4.40
N GLU A 293 18.78 27.27 3.75
CA GLU A 293 19.05 28.59 3.18
C GLU A 293 18.15 28.88 1.98
N GLN A 294 17.99 27.87 1.14
CA GLN A 294 17.15 27.98 -0.05
C GLN A 294 15.69 28.26 0.32
N LYS A 295 15.22 27.62 1.39
CA LYS A 295 13.87 27.84 1.88
C LYS A 295 13.69 29.27 2.39
N GLN A 296 14.71 29.75 3.11
CA GLN A 296 14.74 31.14 3.56
C GLN A 296 14.62 32.10 2.38
N PHE A 297 15.40 31.81 1.34
CA PHE A 297 15.41 32.62 0.13
C PHE A 297 14.03 32.68 -0.53
N VAL A 298 13.35 31.56 -0.58
CA VAL A 298 12.02 31.48 -1.19
C VAL A 298 11.00 32.25 -0.37
N LEU A 299 11.09 32.14 0.95
CA LEU A 299 10.22 32.89 1.85
C LEU A 299 10.44 34.38 1.67
N ASP A 300 11.70 34.80 1.57
CA ASP A 300 12.04 36.21 1.43
C ASP A 300 11.48 36.82 0.16
N ILE A 301 11.49 36.04 -0.93
CA ILE A 301 10.93 36.49 -2.19
C ILE A 301 9.41 36.66 -2.09
N ILE A 302 8.77 35.71 -1.43
CA ILE A 302 7.33 35.74 -1.26
C ILE A 302 6.90 36.88 -0.34
N GLU A 303 7.71 37.14 0.69
CA GLU A 303 7.40 38.20 1.65
C GLU A 303 7.52 39.59 1.04
N GLU A 304 8.42 39.76 0.08
CA GLU A 304 8.63 41.07 -0.53
C GLU A 304 7.65 41.33 -1.67
N GLU A 305 7.16 40.27 -2.28
CA GLU A 305 6.20 40.39 -3.38
C GLU A 305 4.78 40.52 -2.83
N LYS A 306 4.66 40.57 -1.51
CA LYS A 306 3.38 40.74 -0.82
C LYS A 306 2.37 39.66 -1.23
N SER A 307 2.87 38.44 -1.39
CA SER A 307 2.04 37.35 -1.89
C SER A 307 1.24 36.65 -0.80
N LEU A 308 1.63 36.85 0.45
CA LEU A 308 0.86 36.31 1.57
C LEU A 308 -0.49 37.02 1.66
N ASP A 309 -0.54 38.23 1.14
CA ASP A 309 -1.77 39.01 1.13
C ASP A 309 -2.83 38.37 0.25
N TYR A 310 -2.41 37.60 -0.76
CA TYR A 310 -3.36 36.90 -1.59
C TYR A 310 -4.02 35.76 -0.83
N THR A 311 -3.21 35.03 -0.07
CA THR A 311 -3.71 33.94 0.77
C THR A 311 -4.76 34.44 1.77
N ARG A 312 -4.44 35.54 2.44
CA ARG A 312 -5.33 36.15 3.42
C ARG A 312 -6.64 36.58 2.79
N SER A 313 -6.59 37.00 1.54
CA SER A 313 -7.79 37.40 0.80
C SER A 313 -8.69 36.20 0.55
N VAL A 314 -8.09 35.10 0.09
CA VAL A 314 -8.82 33.89 -0.22
C VAL A 314 -9.45 33.28 1.04
N MET A 315 -8.70 33.29 2.13
CA MET A 315 -9.17 32.71 3.39
C MET A 315 -10.33 33.49 3.99
N MET A 316 -10.29 34.81 3.88
CA MET A 316 -11.38 35.65 4.37
C MET A 316 -12.67 35.32 3.63
N ASP A 317 -12.56 35.16 2.32
CA ASP A 317 -13.69 34.77 1.48
C ASP A 317 -14.16 33.36 1.80
N LEU A 318 -13.20 32.49 2.11
CA LEU A 318 -13.49 31.11 2.42
C LEU A 318 -14.27 30.99 3.72
N HIS A 319 -13.94 31.85 4.68
CA HIS A 319 -14.64 31.90 5.95
C HIS A 319 -16.06 32.41 5.78
N VAL A 320 -16.24 33.34 4.84
CA VAL A 320 -17.56 33.88 4.53
C VAL A 320 -18.47 32.80 3.95
N GLN A 321 -17.94 32.05 3.00
CA GLN A 321 -18.67 30.93 2.40
C GLN A 321 -19.02 29.89 3.46
N LEU A 322 -18.07 29.62 4.35
CA LEU A 322 -18.21 28.57 5.35
C LEU A 322 -19.15 28.98 6.48
N ARG A 323 -19.11 30.24 6.90
CA ARG A 323 -20.04 30.74 7.90
C ARG A 323 -21.47 30.68 7.39
N ALA A 324 -21.63 30.82 6.07
CA ALA A 324 -22.94 30.74 5.44
C ALA A 324 -23.46 29.31 5.46
N GLU A 325 -22.57 28.35 5.17
CA GLU A 325 -22.93 26.94 5.17
C GLU A 325 -23.37 26.46 6.54
N ILE A 326 -22.63 26.90 7.57
CA ILE A 326 -22.91 26.49 8.95
C ILE A 326 -24.28 26.99 9.42
N GLY A 327 -24.57 28.26 9.15
CA GLY A 327 -25.85 28.82 9.51
C GLY A 327 -27.01 28.15 8.80
N ARG A 328 -26.78 27.82 7.53
CA ARG A 328 -27.75 27.11 6.71
C ARG A 328 -28.11 25.76 7.33
N ILE A 329 -27.11 25.10 7.89
CA ILE A 329 -27.28 23.81 8.55
C ILE A 329 -27.89 24.00 9.94
N GLU A 330 -27.46 25.06 10.63
CA GLU A 330 -28.00 25.40 11.95
C GLU A 330 -29.49 25.71 11.90
N ILE A 331 -29.98 26.08 10.70
CA ILE A 331 -31.39 26.43 10.52
C ILE A 331 -32.16 25.23 9.99
N LEU A 332 -31.49 24.41 9.17
CA LEU A 332 -32.05 23.15 8.72
C LEU A 332 -32.43 22.29 9.93
N LEU A 333 -31.46 22.05 10.80
CA LEU A 333 -31.75 21.49 12.11
C LEU A 333 -32.15 22.66 13.01
N ASP A 334 -32.49 22.40 14.26
CA ASP A 334 -32.72 23.49 15.20
C ASP A 334 -31.54 23.58 16.15
N SER A 335 -30.34 23.44 15.60
CA SER A 335 -29.14 23.32 16.41
C SER A 335 -28.02 24.28 16.01
N PRO A 336 -27.76 25.30 16.86
CA PRO A 336 -26.59 26.15 16.67
C PRO A 336 -25.31 25.38 16.98
N ASN A 337 -24.25 25.61 16.21
CA ASN A 337 -23.02 24.84 16.38
C ASN A 337 -21.82 25.74 16.61
N PRO A 338 -21.67 26.26 17.83
CA PRO A 338 -20.53 27.12 18.19
C PRO A 338 -19.19 26.41 18.03
N ALA A 339 -19.17 25.10 18.29
CA ALA A 339 -17.96 24.30 18.17
C ALA A 339 -17.41 24.30 16.74
N MET A 340 -18.31 24.19 15.77
CA MET A 340 -17.90 24.21 14.37
C MET A 340 -17.42 25.60 13.97
N ARG A 341 -18.12 26.62 14.44
CA ARG A 341 -17.75 28.00 14.15
C ARG A 341 -16.45 28.35 14.86
N LEU A 342 -16.24 27.76 16.03
CA LEU A 342 -15.00 27.92 16.78
C LEU A 342 -13.84 27.36 15.96
N LEU A 343 -14.02 26.15 15.44
CA LEU A 343 -13.00 25.48 14.64
C LEU A 343 -12.65 26.29 13.39
N LEU A 344 -13.66 26.88 12.77
CA LEU A 344 -13.47 27.69 11.58
C LEU A 344 -12.68 28.95 11.91
N GLU A 345 -12.98 29.54 13.06
CA GLU A 345 -12.32 30.77 13.49
C GLU A 345 -10.84 30.56 13.82
N LEU A 346 -10.47 29.33 14.14
CA LEU A 346 -9.09 29.04 14.53
C LEU A 346 -8.23 28.65 13.33
N LEU A 347 -8.87 28.50 12.18
CA LEU A 347 -8.14 28.25 10.94
C LEU A 347 -7.96 29.56 10.17
N ARG A 348 -7.19 30.48 10.76
CA ARG A 348 -7.08 31.83 10.21
C ARG A 348 -5.69 32.17 9.68
N VAL A 349 -5.64 33.20 8.83
CA VAL A 349 -4.41 33.76 8.32
C VAL A 349 -3.47 32.71 7.73
N ASP B 43 -10.75 13.22 -21.51
CA ASP B 43 -11.21 13.83 -20.27
C ASP B 43 -10.01 14.24 -19.40
N HIS B 44 -10.29 14.89 -18.29
CA HIS B 44 -9.23 15.35 -17.39
C HIS B 44 -9.13 14.45 -16.16
N ILE B 45 -10.12 13.57 -16.00
CA ILE B 45 -10.04 12.55 -14.97
C ILE B 45 -9.44 11.29 -15.59
N PHE B 46 -9.59 11.15 -16.90
CA PHE B 46 -8.92 10.07 -17.63
C PHE B 46 -7.42 10.30 -17.60
N PHE B 47 -7.03 11.58 -17.65
CA PHE B 47 -5.62 11.95 -17.53
C PHE B 47 -5.09 11.62 -16.14
N GLU B 48 -5.91 11.89 -15.13
CA GLU B 48 -5.54 11.59 -13.75
C GLU B 48 -5.41 10.09 -13.52
N LYS B 49 -6.31 9.33 -14.15
CA LYS B 49 -6.23 7.87 -14.07
C LYS B 49 -4.95 7.38 -14.71
N ALA B 50 -4.60 7.96 -15.86
CA ALA B 50 -3.41 7.55 -16.61
C ALA B 50 -2.14 7.76 -15.79
N VAL B 51 -2.11 8.85 -15.01
CA VAL B 51 -1.00 9.13 -14.13
C VAL B 51 -0.90 8.07 -13.04
N LEU B 52 -2.05 7.75 -12.44
CA LEU B 52 -2.12 6.79 -11.34
C LEU B 52 -1.71 5.37 -11.74
N GLU B 53 -2.17 4.95 -12.92
CA GLU B 53 -1.95 3.58 -13.39
C GLU B 53 -0.65 3.42 -14.16
N ALA B 54 0.01 4.54 -14.47
CA ALA B 54 1.20 4.52 -15.32
C ALA B 54 2.32 3.61 -14.82
N PRO B 55 2.65 3.66 -13.51
CA PRO B 55 3.69 2.72 -13.07
C PRO B 55 3.22 1.26 -13.12
N TYR B 56 1.93 1.01 -12.97
CA TYR B 56 1.42 -0.35 -13.04
C TYR B 56 1.45 -0.87 -14.48
N ASP B 57 0.99 -0.04 -15.41
CA ASP B 57 0.99 -0.40 -16.83
C ASP B 57 2.38 -0.74 -17.33
N TYR B 58 3.38 -0.25 -16.61
CA TYR B 58 4.78 -0.43 -16.99
C TYR B 58 5.27 -1.86 -16.79
N ILE B 59 5.13 -2.38 -15.57
CA ILE B 59 5.57 -3.74 -15.26
C ILE B 59 4.57 -4.79 -15.75
N ALA B 60 3.34 -4.35 -16.00
CA ALA B 60 2.27 -5.25 -16.43
C ALA B 60 2.51 -5.76 -17.85
N SER B 61 3.40 -5.09 -18.57
CA SER B 61 3.70 -5.47 -19.95
C SER B 61 4.88 -6.43 -20.00
N MET B 62 5.59 -6.58 -18.88
CA MET B 62 6.69 -7.54 -18.78
C MET B 62 6.17 -8.97 -18.93
N PRO B 63 6.98 -9.85 -19.54
CA PRO B 63 6.58 -11.25 -19.67
C PRO B 63 6.55 -11.94 -18.31
N SER B 64 5.44 -12.61 -18.00
CA SER B 64 5.26 -13.24 -16.70
C SER B 64 5.88 -14.63 -16.64
N LYS B 65 6.04 -15.14 -15.42
CA LYS B 65 6.58 -16.48 -15.21
C LYS B 65 5.67 -17.53 -15.83
N GLY B 66 4.39 -17.46 -15.50
CA GLY B 66 3.39 -18.32 -16.13
C GLY B 66 2.90 -19.47 -15.27
N VAL B 67 3.60 -19.72 -14.17
CA VAL B 67 3.26 -20.84 -13.29
C VAL B 67 1.88 -20.67 -12.63
N ARG B 68 1.58 -19.43 -12.23
CA ARG B 68 0.34 -19.13 -11.53
CA ARG B 68 0.35 -19.14 -11.52
C ARG B 68 -0.90 -19.41 -12.39
N ASP B 69 -0.87 -18.91 -13.62
CA ASP B 69 -1.98 -19.13 -14.54
C ASP B 69 -2.10 -20.61 -14.95
N GLN B 70 -0.95 -21.29 -15.00
CA GLN B 70 -0.91 -22.70 -15.36
C GLN B 70 -1.50 -23.55 -14.25
N PHE B 71 -1.23 -23.16 -13.00
CA PHE B 71 -1.79 -23.83 -11.84
C PHE B 71 -3.32 -23.68 -11.79
N ILE B 72 -3.81 -22.49 -12.14
CA ILE B 72 -5.24 -22.21 -12.14
C ILE B 72 -5.95 -23.01 -13.21
N ASP B 73 -5.34 -23.08 -14.39
CA ASP B 73 -5.86 -23.89 -15.48
C ASP B 73 -5.92 -25.37 -15.11
N ALA B 74 -4.86 -25.85 -14.47
CA ALA B 74 -4.80 -27.25 -14.05
C ALA B 74 -5.83 -27.51 -12.96
N LEU B 75 -6.01 -26.53 -12.09
CA LEU B 75 -6.99 -26.63 -11.00
C LEU B 75 -8.41 -26.63 -11.56
N ASN B 76 -8.62 -25.85 -12.62
CA ASN B 76 -9.94 -25.73 -13.23
C ASN B 76 -10.34 -26.97 -14.05
N ASP B 77 -9.36 -27.84 -14.31
CA ASP B 77 -9.67 -29.11 -14.97
C ASP B 77 -10.49 -29.99 -14.04
N TRP B 78 -10.45 -29.66 -12.76
CA TRP B 78 -11.28 -30.32 -11.75
C TRP B 78 -12.58 -29.57 -11.50
N LEU B 79 -12.45 -28.26 -11.26
CA LEU B 79 -13.56 -27.45 -10.77
C LEU B 79 -14.50 -26.96 -11.89
N ARG B 80 -14.00 -26.93 -13.12
CA ARG B 80 -14.78 -26.52 -14.29
C ARG B 80 -15.52 -25.20 -14.10
N VAL B 81 -14.81 -24.20 -13.62
CA VAL B 81 -15.35 -22.85 -13.47
C VAL B 81 -15.47 -22.20 -14.85
N PRO B 82 -16.61 -21.52 -15.11
CA PRO B 82 -16.83 -20.80 -16.37
C PRO B 82 -15.66 -19.91 -16.77
N ASP B 83 -15.25 -19.98 -18.04
CA ASP B 83 -14.07 -19.29 -18.55
C ASP B 83 -14.06 -17.80 -18.23
N VAL B 84 -15.23 -17.18 -18.27
CA VAL B 84 -15.38 -15.78 -17.92
C VAL B 84 -14.92 -15.52 -16.49
N LYS B 85 -15.29 -16.42 -15.58
CA LYS B 85 -14.99 -16.23 -14.16
C LYS B 85 -13.53 -16.47 -13.83
N VAL B 86 -12.92 -17.50 -14.40
CA VAL B 86 -11.51 -17.79 -14.13
C VAL B 86 -10.65 -16.68 -14.72
N GLY B 87 -11.16 -16.04 -15.77
CA GLY B 87 -10.46 -14.91 -16.38
C GLY B 87 -10.35 -13.77 -15.39
N LYS B 88 -11.47 -13.43 -14.74
CA LYS B 88 -11.49 -12.39 -13.73
C LYS B 88 -10.63 -12.76 -12.53
N ILE B 89 -10.66 -14.03 -12.16
CA ILE B 89 -9.86 -14.52 -11.04
C ILE B 89 -8.36 -14.41 -11.39
N LYS B 90 -8.01 -14.79 -12.61
CA LYS B 90 -6.64 -14.64 -13.09
C LYS B 90 -6.21 -13.18 -13.08
N ASP B 91 -7.06 -12.32 -13.64
CA ASP B 91 -6.80 -10.88 -13.71
C ASP B 91 -6.59 -10.30 -12.32
N ALA B 92 -7.38 -10.78 -11.35
CA ALA B 92 -7.35 -10.26 -10.00
C ALA B 92 -6.06 -10.60 -9.26
N VAL B 93 -5.66 -11.88 -9.31
CA VAL B 93 -4.45 -12.32 -8.62
C VAL B 93 -3.20 -11.80 -9.33
N ARG B 94 -3.32 -11.48 -10.62
CA ARG B 94 -2.21 -10.90 -11.36
C ARG B 94 -1.93 -9.48 -10.90
N VAL B 95 -3.01 -8.70 -10.77
CA VAL B 95 -2.92 -7.35 -10.21
C VAL B 95 -2.30 -7.42 -8.83
N LEU B 96 -2.77 -8.38 -8.04
CA LEU B 96 -2.26 -8.62 -6.70
C LEU B 96 -0.78 -9.00 -6.74
N HIS B 97 -0.38 -9.76 -7.76
CA HIS B 97 1.01 -10.19 -7.90
C HIS B 97 1.90 -9.05 -8.40
N ASN B 98 1.45 -8.34 -9.42
CA ASN B 98 2.22 -7.23 -9.98
C ASN B 98 2.44 -6.14 -8.93
N SER B 99 1.40 -5.85 -8.16
CA SER B 99 1.48 -4.85 -7.10
C SER B 99 2.50 -5.26 -6.04
N SER B 100 2.60 -6.56 -5.79
CA SER B 100 3.59 -7.09 -4.85
C SER B 100 5.00 -6.82 -5.34
N LEU B 101 5.24 -7.08 -6.62
CA LEU B 101 6.53 -6.81 -7.25
C LEU B 101 6.93 -5.35 -7.09
N LEU B 102 6.00 -4.45 -7.45
CA LEU B 102 6.21 -3.02 -7.33
C LEU B 102 6.58 -2.60 -5.91
N LEU B 103 5.91 -3.21 -4.93
CA LEU B 103 6.08 -2.82 -3.53
C LEU B 103 7.42 -3.23 -2.92
N ASP B 104 8.09 -4.22 -3.52
CA ASP B 104 9.38 -4.65 -2.98
C ASP B 104 10.52 -4.43 -3.96
N ASP B 105 10.18 -3.97 -5.16
CA ASP B 105 11.20 -3.60 -6.14
C ASP B 105 11.19 -2.09 -6.37
N PHE B 106 10.63 -1.36 -5.42
CA PHE B 106 10.44 0.08 -5.58
C PHE B 106 11.74 0.88 -5.42
N GLN B 107 12.85 0.20 -5.15
CA GLN B 107 14.10 0.90 -4.93
C GLN B 107 15.36 0.15 -5.38
N ASP B 108 15.21 -0.96 -6.07
CA ASP B 108 16.38 -1.60 -6.69
C ASP B 108 16.67 -0.91 -8.02
N ASN B 109 17.94 -0.88 -8.40
CA ASN B 109 18.37 -0.03 -9.50
C ASN B 109 18.72 -0.79 -10.77
N SER B 110 18.70 -2.11 -10.70
CA SER B 110 19.02 -2.94 -11.85
C SER B 110 17.86 -3.01 -12.85
N PRO B 111 18.16 -2.85 -14.14
CA PRO B 111 17.15 -2.89 -15.20
C PRO B 111 16.52 -4.27 -15.35
N LEU B 112 15.29 -4.31 -15.84
CA LEU B 112 14.59 -5.58 -16.04
C LEU B 112 15.02 -6.22 -17.35
N ARG B 113 15.01 -5.44 -18.43
CA ARG B 113 15.52 -5.90 -19.71
C ARG B 113 16.51 -4.88 -20.26
N ARG B 114 16.76 -4.93 -21.57
CA ARG B 114 17.73 -4.05 -22.18
C ARG B 114 17.20 -2.63 -22.34
N GLY B 115 15.96 -2.51 -22.80
CA GLY B 115 15.33 -1.22 -22.96
C GLY B 115 14.27 -1.00 -21.89
N LYS B 116 14.39 -1.73 -20.79
CA LYS B 116 13.41 -1.67 -19.72
C LYS B 116 14.07 -1.52 -18.36
N PRO B 117 14.32 -0.26 -17.94
CA PRO B 117 14.85 0.01 -16.61
C PRO B 117 13.86 -0.40 -15.53
N SER B 118 14.31 -0.50 -14.28
CA SER B 118 13.41 -0.79 -13.17
C SER B 118 12.34 0.29 -13.09
N THR B 119 11.14 -0.08 -12.67
CA THR B 119 10.04 0.86 -12.53
C THR B 119 10.45 2.06 -11.68
N HIS B 120 11.26 1.77 -10.66
CA HIS B 120 11.82 2.81 -9.81
C HIS B 120 12.64 3.83 -10.60
N ASN B 121 13.39 3.35 -11.59
CA ASN B 121 14.24 4.22 -12.38
C ASN B 121 13.49 4.93 -13.51
N ILE B 122 12.16 4.81 -13.51
CA ILE B 122 11.32 5.54 -14.46
C ILE B 122 10.46 6.56 -13.73
N PHE B 123 9.83 6.13 -12.64
CA PHE B 123 8.86 6.96 -11.93
C PHE B 123 9.33 7.39 -10.54
N GLY B 124 10.38 6.75 -10.04
CA GLY B 124 10.83 7.02 -8.68
C GLY B 124 10.11 6.11 -7.70
N SER B 125 10.57 6.11 -6.45
CA SER B 125 10.01 5.26 -5.41
C SER B 125 8.59 5.67 -5.02
N ALA B 126 8.39 6.97 -4.83
CA ALA B 126 7.12 7.50 -4.34
C ALA B 126 5.93 7.15 -5.21
N GLN B 127 6.05 7.42 -6.50
CA GLN B 127 4.98 7.13 -7.45
C GLN B 127 4.76 5.61 -7.59
N THR B 128 5.84 4.86 -7.56
CA THR B 128 5.78 3.40 -7.64
C THR B 128 5.01 2.82 -6.46
N VAL B 129 5.36 3.28 -5.26
CA VAL B 129 4.75 2.81 -4.03
C VAL B 129 3.28 3.23 -3.94
N ASN B 130 2.99 4.45 -4.37
CA ASN B 130 1.62 4.95 -4.34
C ASN B 130 0.70 4.19 -5.29
N THR B 131 1.16 3.97 -6.52
CA THR B 131 0.42 3.21 -7.51
C THR B 131 0.18 1.77 -7.04
N ALA B 132 1.22 1.17 -6.49
CA ALA B 132 1.16 -0.21 -6.01
C ALA B 132 0.08 -0.38 -4.94
N THR B 133 0.09 0.53 -3.95
CA THR B 133 -0.88 0.48 -2.85
C THR B 133 -2.30 0.65 -3.38
N TYR B 134 -2.47 1.56 -4.33
CA TYR B 134 -3.77 1.76 -4.97
C TYR B 134 -4.23 0.51 -5.70
N SER B 135 -3.30 -0.13 -6.41
CA SER B 135 -3.61 -1.29 -7.23
C SER B 135 -4.09 -2.47 -6.39
N ILE B 136 -3.57 -2.60 -5.18
CA ILE B 136 -4.00 -3.68 -4.28
C ILE B 136 -5.44 -3.47 -3.84
N ILE B 137 -5.77 -2.24 -3.48
CA ILE B 137 -7.13 -1.88 -3.08
C ILE B 137 -8.09 -2.08 -4.25
N LYS B 138 -7.65 -1.71 -5.44
CA LYS B 138 -8.45 -1.90 -6.66
C LYS B 138 -8.69 -3.39 -6.91
N ALA B 139 -7.68 -4.20 -6.63
CA ALA B 139 -7.78 -5.66 -6.79
C ALA B 139 -8.80 -6.23 -5.83
N ILE B 140 -8.76 -5.78 -4.58
CA ILE B 140 -9.68 -6.25 -3.55
C ILE B 140 -11.12 -5.88 -3.92
N GLY B 141 -11.28 -4.69 -4.50
CA GLY B 141 -12.58 -4.26 -4.97
C GLY B 141 -13.09 -5.16 -6.08
N GLN B 142 -12.16 -5.66 -6.91
CA GLN B 142 -12.52 -6.56 -8.00
C GLN B 142 -12.91 -7.93 -7.48
N ILE B 143 -12.27 -8.36 -6.39
CA ILE B 143 -12.59 -9.64 -5.76
C ILE B 143 -14.03 -9.68 -5.29
N MET B 144 -14.43 -8.65 -4.55
CA MET B 144 -15.79 -8.54 -4.03
C MET B 144 -16.82 -8.54 -5.14
N GLU B 145 -16.46 -7.93 -6.27
CA GLU B 145 -17.37 -7.77 -7.39
C GLU B 145 -17.96 -9.08 -7.90
N PHE B 146 -17.18 -10.16 -7.82
CA PHE B 146 -17.69 -11.46 -8.25
C PHE B 146 -17.74 -12.48 -7.12
N SER B 147 -18.06 -12.01 -5.91
CA SER B 147 -18.18 -12.90 -4.76
C SER B 147 -19.22 -13.99 -4.98
N SER B 151 -17.81 -13.47 2.01
CA SER B 151 -17.68 -12.62 3.18
C SER B 151 -16.66 -11.50 2.95
N VAL B 152 -16.85 -10.39 3.63
CA VAL B 152 -15.96 -9.24 3.48
C VAL B 152 -14.68 -9.42 4.30
N GLN B 153 -14.84 -9.81 5.56
CA GLN B 153 -13.72 -9.93 6.46
C GLN B 153 -12.80 -11.09 6.09
N GLU B 154 -13.36 -12.12 5.47
CA GLU B 154 -12.58 -13.27 5.06
C GLU B 154 -11.66 -12.91 3.89
N VAL B 155 -12.18 -12.10 2.97
CA VAL B 155 -11.40 -11.63 1.82
C VAL B 155 -10.24 -10.75 2.26
N MET B 156 -10.52 -9.84 3.20
CA MET B 156 -9.51 -8.94 3.73
C MET B 156 -8.41 -9.71 4.42
N ASN B 157 -8.80 -10.67 5.27
CA ASN B 157 -7.86 -11.50 6.01
C ASN B 157 -6.95 -12.32 5.09
N SER B 158 -7.47 -12.72 3.94
CA SER B 158 -6.67 -13.44 2.95
C SER B 158 -5.55 -12.56 2.42
N ILE B 159 -5.88 -11.31 2.11
CA ILE B 159 -4.92 -10.36 1.59
C ILE B 159 -3.87 -10.00 2.63
N MET B 160 -4.33 -9.77 3.86
CA MET B 160 -3.46 -9.27 4.92
C MET B 160 -2.41 -10.28 5.37
N ILE B 161 -2.67 -11.56 5.11
CA ILE B 161 -1.70 -12.62 5.40
C ILE B 161 -0.44 -12.40 4.55
N LEU B 162 -0.63 -11.96 3.31
CA LEU B 162 0.47 -11.69 2.40
C LEU B 162 1.46 -10.67 2.96
N PHE B 163 0.93 -9.67 3.66
CA PHE B 163 1.76 -8.61 4.23
C PHE B 163 2.39 -9.04 5.55
N GLN B 164 1.74 -9.96 6.25
CA GLN B 164 2.34 -10.51 7.46
C GLN B 164 3.55 -11.35 7.08
N GLY B 165 3.44 -12.05 5.96
CA GLY B 165 4.54 -12.84 5.44
C GLY B 165 5.68 -11.98 4.93
N GLN B 166 5.34 -10.89 4.27
CA GLN B 166 6.33 -9.97 3.74
C GLN B 166 7.02 -9.20 4.86
N ALA B 167 6.27 -8.93 5.92
CA ALA B 167 6.81 -8.23 7.08
C ALA B 167 7.97 -9.02 7.69
N MET B 168 7.79 -10.33 7.80
CA MET B 168 8.84 -11.19 8.34
C MET B 168 10.05 -11.23 7.41
N ASP B 169 9.79 -11.28 6.11
CA ASP B 169 10.85 -11.27 5.10
C ASP B 169 11.69 -10.00 5.23
N LEU B 170 10.99 -8.86 5.25
CA LEU B 170 11.65 -7.57 5.36
C LEU B 170 12.35 -7.39 6.70
N PHE B 171 11.77 -7.95 7.75
CA PHE B 171 12.33 -7.85 9.09
C PHE B 171 13.66 -8.58 9.19
N TRP B 172 13.67 -9.83 8.76
CA TRP B 172 14.86 -10.68 8.81
C TRP B 172 15.99 -10.11 7.95
N THR B 173 15.64 -9.62 6.77
CA THR B 173 16.60 -9.05 5.84
C THR B 173 17.27 -7.81 6.43
N TYR B 174 16.46 -6.90 6.96
CA TYR B 174 16.96 -5.62 7.47
C TYR B 174 17.81 -5.80 8.72
N ASN B 175 17.52 -6.83 9.51
CA ASN B 175 18.23 -7.05 10.77
C ASN B 175 19.21 -8.21 10.71
N GLY B 176 19.53 -8.67 9.51
CA GLY B 176 20.57 -9.67 9.32
C GLY B 176 20.28 -11.03 9.93
N HIS B 177 19.01 -11.42 9.96
CA HIS B 177 18.65 -12.75 10.41
C HIS B 177 18.42 -13.68 9.23
N VAL B 178 19.14 -14.79 9.21
CA VAL B 178 18.91 -15.83 8.23
C VAL B 178 17.87 -16.80 8.74
N PRO B 179 16.76 -16.96 7.99
CA PRO B 179 15.63 -17.78 8.40
C PRO B 179 16.03 -19.24 8.63
N SER B 180 15.47 -19.87 9.66
CA SER B 180 15.61 -21.31 9.78
C SER B 180 14.75 -21.93 8.68
N GLU B 181 14.97 -23.20 8.38
CA GLU B 181 14.22 -23.87 7.33
C GLU B 181 12.72 -23.85 7.64
N GLU B 182 12.39 -23.93 8.93
CA GLU B 182 10.99 -23.92 9.36
C GLU B 182 10.36 -22.56 9.17
N GLU B 183 11.09 -21.51 9.56
CA GLU B 183 10.62 -20.14 9.38
C GLU B 183 10.52 -19.78 7.91
N TYR B 184 11.43 -20.33 7.11
CA TYR B 184 11.47 -20.11 5.67
C TYR B 184 10.22 -20.67 4.99
N TYR B 185 9.76 -21.81 5.49
CA TYR B 185 8.52 -22.42 4.99
C TYR B 185 7.29 -21.63 5.42
N ARG B 186 7.28 -21.23 6.68
CA ARG B 186 6.17 -20.46 7.24
C ARG B 186 5.97 -19.15 6.49
N MET B 187 7.08 -18.54 6.09
CA MET B 187 7.05 -17.32 5.30
C MET B 187 6.49 -17.59 3.91
N ILE B 188 6.93 -18.68 3.29
CA ILE B 188 6.47 -19.06 1.96
C ILE B 188 4.97 -19.33 1.96
N ASP B 189 4.49 -20.03 2.97
CA ASP B 189 3.06 -20.28 3.13
C ASP B 189 2.28 -18.98 3.25
N GLN B 190 2.88 -18.00 3.92
CA GLN B 190 2.22 -16.73 4.18
C GLN B 190 2.14 -15.82 2.95
N LYS B 191 2.94 -16.11 1.93
CA LYS B 191 3.03 -15.25 0.75
C LYS B 191 2.68 -15.97 -0.54
N THR B 192 3.70 -16.56 -1.16
CA THR B 192 3.55 -17.27 -2.43
C THR B 192 2.54 -18.42 -2.31
N GLY B 193 2.54 -19.09 -1.17
CA GLY B 193 1.58 -20.13 -0.91
C GLY B 193 0.19 -19.56 -0.69
N GLN B 194 0.14 -18.37 -0.09
CA GLN B 194 -1.14 -17.72 0.23
C GLN B 194 -1.82 -17.16 -1.02
N LEU B 195 -1.03 -16.58 -1.92
CA LEU B 195 -1.57 -16.05 -3.17
C LEU B 195 -2.18 -17.18 -3.99
N PHE B 196 -1.50 -18.32 -4.00
CA PHE B 196 -2.02 -19.52 -4.63
C PHE B 196 -3.29 -19.99 -3.91
N SER B 197 -3.30 -19.86 -2.60
CA SER B 197 -4.45 -20.25 -1.79
C SER B 197 -5.67 -19.39 -2.10
N ILE B 198 -5.43 -18.09 -2.27
CA ILE B 198 -6.49 -17.15 -2.63
C ILE B 198 -7.13 -17.54 -3.95
N ALA B 199 -6.28 -17.89 -4.92
CA ALA B 199 -6.76 -18.34 -6.23
C ALA B 199 -7.60 -19.61 -6.08
N THR B 200 -7.12 -20.53 -5.24
CA THR B 200 -7.83 -21.78 -4.99
C THR B 200 -9.20 -21.55 -4.36
N SER B 201 -9.24 -20.68 -3.35
CA SER B 201 -10.48 -20.37 -2.66
C SER B 201 -11.50 -19.76 -3.61
N LEU B 202 -11.04 -18.87 -4.48
CA LEU B 202 -11.92 -18.20 -5.42
C LEU B 202 -12.48 -19.16 -6.47
N LEU B 203 -11.64 -20.09 -6.92
CA LEU B 203 -12.06 -21.12 -7.86
C LEU B 203 -13.12 -22.03 -7.25
N LEU B 204 -12.88 -22.46 -6.02
CA LEU B 204 -13.78 -23.35 -5.30
C LEU B 204 -15.18 -22.76 -5.18
N ASN B 205 -15.24 -21.47 -4.85
CA ASN B 205 -16.51 -20.77 -4.66
C ASN B 205 -17.32 -20.68 -5.95
N ALA B 206 -16.64 -20.74 -7.08
CA ALA B 206 -17.30 -20.63 -8.38
C ALA B 206 -17.29 -21.96 -9.13
N ALA B 207 -17.01 -23.03 -8.42
CA ALA B 207 -16.91 -24.35 -9.03
C ALA B 207 -18.25 -24.84 -9.57
N ASP B 208 -18.19 -25.63 -10.65
CA ASP B 208 -19.37 -26.25 -11.23
C ASP B 208 -20.15 -27.03 -10.18
N ASN B 209 -21.47 -26.90 -10.20
CA ASN B 209 -22.31 -27.40 -9.12
C ASN B 209 -22.32 -28.91 -8.95
N GLU B 210 -21.61 -29.63 -9.81
CA GLU B 210 -21.58 -31.09 -9.73
C GLU B 210 -20.30 -31.62 -9.08
N ILE B 211 -19.45 -30.73 -8.60
CA ILE B 211 -18.31 -31.17 -7.82
C ILE B 211 -18.57 -30.87 -6.34
N PRO B 212 -18.23 -31.83 -5.47
CA PRO B 212 -18.45 -31.70 -4.03
C PRO B 212 -17.36 -30.87 -3.35
N ARG B 213 -17.66 -29.59 -3.12
CA ARG B 213 -16.70 -28.64 -2.58
C ARG B 213 -16.22 -29.02 -1.17
N THR B 214 -17.12 -29.53 -0.34
CA THR B 214 -16.79 -29.86 1.05
C THR B 214 -15.89 -31.08 1.16
N LYS B 215 -16.10 -32.05 0.27
CA LYS B 215 -15.29 -33.26 0.26
C LYS B 215 -13.88 -33.00 -0.24
N ILE B 216 -13.71 -31.92 -1.00
CA ILE B 216 -12.47 -31.65 -1.71
C ILE B 216 -11.65 -30.51 -1.09
N GLN B 217 -12.29 -29.71 -0.26
CA GLN B 217 -11.69 -28.48 0.26
C GLN B 217 -10.37 -28.69 1.00
N SER B 218 -10.37 -29.64 1.94
CA SER B 218 -9.18 -29.92 2.75
C SER B 218 -7.99 -30.34 1.90
N CYS B 219 -8.21 -31.32 1.02
CA CYS B 219 -7.17 -31.83 0.13
C CYS B 219 -6.64 -30.74 -0.79
N LEU B 220 -7.54 -29.86 -1.24
CA LEU B 220 -7.20 -28.83 -2.23
C LEU B 220 -6.26 -27.78 -1.65
N HIS B 221 -6.49 -27.38 -0.40
CA HIS B 221 -5.66 -26.37 0.25
C HIS B 221 -4.31 -26.92 0.67
N ARG B 222 -4.28 -28.20 1.04
CA ARG B 222 -3.03 -28.89 1.36
C ARG B 222 -2.16 -28.95 0.11
N LEU B 223 -2.77 -29.29 -1.01
CA LEU B 223 -2.10 -29.34 -2.30
C LEU B 223 -1.56 -27.96 -2.69
N THR B 224 -2.37 -26.94 -2.45
CA THR B 224 -2.02 -25.58 -2.81
C THR B 224 -0.80 -25.07 -2.03
N ARG B 225 -0.81 -25.30 -0.72
CA ARG B 225 0.30 -24.89 0.14
C ARG B 225 1.60 -25.58 -0.26
N LEU B 226 1.53 -26.90 -0.44
CA LEU B 226 2.71 -27.69 -0.78
C LEU B 226 3.26 -27.33 -2.15
N LEU B 227 2.38 -26.94 -3.06
CA LEU B 227 2.80 -26.60 -4.42
C LEU B 227 3.44 -25.22 -4.46
N GLY B 228 2.93 -24.31 -3.65
CA GLY B 228 3.50 -22.98 -3.55
C GLY B 228 4.91 -23.06 -3.00
N ARG B 229 5.08 -23.90 -1.99
CA ARG B 229 6.39 -24.18 -1.41
C ARG B 229 7.32 -24.79 -2.46
N CYS B 230 6.81 -25.76 -3.21
CA CYS B 230 7.60 -26.43 -4.24
C CYS B 230 8.02 -25.45 -5.33
N PHE B 231 7.10 -24.55 -5.68
CA PHE B 231 7.37 -23.53 -6.68
C PHE B 231 8.41 -22.52 -6.20
N GLN B 232 8.32 -22.14 -4.92
CA GLN B 232 9.22 -21.12 -4.38
C GLN B 232 10.64 -21.67 -4.20
N ILE B 233 10.74 -22.87 -3.64
CA ILE B 233 12.04 -23.53 -3.47
C ILE B 233 12.74 -23.70 -4.80
N ARG B 234 12.00 -24.15 -5.80
CA ARG B 234 12.53 -24.31 -7.14
C ARG B 234 13.02 -22.96 -7.68
N ASP B 235 12.18 -21.94 -7.54
CA ASP B 235 12.47 -20.62 -8.07
C ASP B 235 13.71 -20.01 -7.43
N ASP B 236 13.80 -20.09 -6.12
CA ASP B 236 14.97 -19.59 -5.40
C ASP B 236 16.23 -20.36 -5.84
N TYR B 237 16.06 -21.64 -6.10
CA TYR B 237 17.15 -22.49 -6.57
C TYR B 237 17.64 -22.02 -7.94
N GLN B 238 16.72 -21.76 -8.85
CA GLN B 238 17.04 -21.28 -10.18
C GLN B 238 17.79 -19.95 -10.14
N ASN B 239 17.43 -19.10 -9.19
CA ASN B 239 18.02 -17.77 -9.07
C ASN B 239 19.37 -17.77 -8.36
N LEU B 240 19.64 -18.84 -7.62
CA LEU B 240 20.93 -18.98 -6.96
C LEU B 240 22.02 -19.26 -8.00
N VAL B 241 21.84 -20.34 -8.75
CA VAL B 241 22.78 -20.72 -9.79
C VAL B 241 22.57 -19.91 -11.05
N LYS B 259 15.21 -14.09 -2.60
CA LYS B 259 16.12 -13.39 -1.70
C LYS B 259 16.96 -14.39 -0.91
N TRP B 260 16.38 -15.56 -0.66
CA TRP B 260 17.11 -16.65 -0.01
C TRP B 260 17.15 -17.88 -0.92
N SER B 261 17.44 -19.02 -0.31
CA SER B 261 17.47 -20.30 -0.99
C SER B 261 17.56 -21.41 0.05
N LEU B 262 16.94 -22.55 -0.22
CA LEU B 262 16.94 -23.66 0.73
C LEU B 262 18.36 -24.16 0.99
N ALA B 263 19.19 -24.13 -0.05
CA ALA B 263 20.58 -24.55 0.07
C ALA B 263 21.34 -23.64 1.02
N LEU B 264 21.18 -22.33 0.85
CA LEU B 264 21.87 -21.36 1.68
C LEU B 264 21.39 -21.41 3.12
N ILE B 265 20.09 -21.65 3.30
CA ILE B 265 19.51 -21.76 4.63
C ILE B 265 20.10 -22.95 5.39
N HIS B 266 20.17 -24.09 4.71
CA HIS B 266 20.65 -25.33 5.32
C HIS B 266 22.12 -25.28 5.68
N MET B 267 22.92 -24.60 4.86
CA MET B 267 24.35 -24.57 5.08
C MET B 267 24.74 -23.74 6.31
N ILE B 268 23.91 -22.78 6.67
CA ILE B 268 24.19 -21.91 7.80
C ILE B 268 23.81 -22.53 9.14
N HIS B 269 22.69 -23.25 9.16
CA HIS B 269 22.13 -23.76 10.41
C HIS B 269 22.62 -25.15 10.80
N LYS B 270 22.60 -26.08 9.86
CA LYS B 270 22.98 -27.45 10.16
C LYS B 270 24.39 -27.80 9.66
N GLN B 271 25.18 -26.78 9.34
CA GLN B 271 26.56 -27.02 8.95
C GLN B 271 27.47 -26.05 9.69
N ARG B 272 28.74 -26.41 9.83
CA ARG B 272 29.61 -25.75 10.78
C ARG B 272 30.43 -24.60 10.20
N SER B 273 30.37 -23.48 10.92
CA SER B 273 31.18 -22.27 10.74
C SER B 273 31.87 -22.06 9.38
N HIS B 274 31.26 -21.23 8.54
CA HIS B 274 31.92 -20.71 7.36
C HIS B 274 32.08 -19.19 7.48
N MET B 275 33.28 -18.76 7.88
CA MET B 275 33.54 -17.37 8.24
C MET B 275 33.41 -16.39 7.08
N ALA B 276 33.92 -16.77 5.91
CA ALA B 276 33.91 -15.89 4.75
C ALA B 276 32.48 -15.66 4.23
N LEU B 277 31.65 -16.69 4.34
CA LEU B 277 30.27 -16.61 3.89
C LEU B 277 29.46 -15.62 4.73
N LEU B 278 29.54 -15.78 6.05
CA LEU B 278 28.80 -14.92 6.97
C LEU B 278 29.20 -13.45 6.81
N ASN B 279 30.50 -13.22 6.70
CA ASN B 279 31.03 -11.85 6.60
C ASN B 279 30.68 -11.16 5.28
N VAL B 280 30.63 -11.93 4.19
CA VAL B 280 30.31 -11.34 2.89
C VAL B 280 28.81 -11.07 2.79
N LEU B 281 28.03 -11.79 3.58
CA LEU B 281 26.60 -11.55 3.65
C LEU B 281 26.33 -10.25 4.39
N SER B 282 27.05 -10.05 5.49
CA SER B 282 26.93 -8.83 6.27
C SER B 282 27.40 -7.64 5.45
N THR B 283 28.44 -7.86 4.63
CA THR B 283 28.94 -6.81 3.75
C THR B 283 27.88 -6.39 2.74
N GLY B 284 27.18 -7.37 2.19
CA GLY B 284 26.12 -7.12 1.25
C GLY B 284 24.89 -6.52 1.92
N ARG B 285 24.56 -7.06 3.09
CA ARG B 285 23.40 -6.60 3.87
CA ARG B 285 23.38 -6.59 3.83
C ARG B 285 23.50 -5.13 4.22
N LYS B 286 24.72 -4.67 4.47
CA LYS B 286 24.93 -3.26 4.84
C LYS B 286 25.30 -2.41 3.61
N HIS B 287 25.26 -3.03 2.43
CA HIS B 287 25.50 -2.31 1.18
C HIS B 287 24.25 -2.33 0.30
N GLY B 288 23.20 -2.97 0.80
CA GLY B 288 21.96 -3.09 0.05
C GLY B 288 21.92 -4.33 -0.81
N GLY B 289 23.08 -4.88 -1.11
CA GLY B 289 23.17 -6.07 -1.94
C GLY B 289 24.58 -6.35 -2.41
N MET B 290 24.84 -7.59 -2.78
CA MET B 290 26.16 -8.00 -3.24
C MET B 290 26.30 -7.83 -4.74
N THR B 291 27.53 -7.57 -5.19
CA THR B 291 27.81 -7.52 -6.62
C THR B 291 27.96 -8.94 -7.14
N LEU B 292 28.37 -9.09 -8.40
CA LEU B 292 28.43 -10.40 -9.02
C LEU B 292 29.49 -11.32 -8.41
N GLU B 293 30.67 -10.76 -8.13
CA GLU B 293 31.78 -11.54 -7.59
C GLU B 293 31.46 -12.07 -6.19
N GLN B 294 30.78 -11.25 -5.40
CA GLN B 294 30.34 -11.68 -4.07
C GLN B 294 29.28 -12.78 -4.20
N LYS B 295 28.34 -12.58 -5.12
CA LYS B 295 27.32 -13.58 -5.42
C LYS B 295 27.97 -14.87 -5.89
N GLN B 296 28.87 -14.74 -6.86
CA GLN B 296 29.61 -15.88 -7.39
C GLN B 296 30.40 -16.59 -6.29
N PHE B 297 30.98 -15.80 -5.39
CA PHE B 297 31.72 -16.33 -4.25
C PHE B 297 30.82 -17.17 -3.35
N VAL B 298 29.62 -16.65 -3.09
CA VAL B 298 28.64 -17.38 -2.29
C VAL B 298 28.25 -18.68 -2.99
N LEU B 299 28.05 -18.59 -4.30
CA LEU B 299 27.70 -19.77 -5.10
C LEU B 299 28.79 -20.84 -5.02
N ASP B 300 30.04 -20.42 -5.22
CA ASP B 300 31.18 -21.33 -5.21
C ASP B 300 31.28 -22.12 -3.91
N ILE B 301 30.94 -21.47 -2.80
CA ILE B 301 30.96 -22.11 -1.50
C ILE B 301 29.86 -23.17 -1.39
N ILE B 302 28.67 -22.85 -1.89
CA ILE B 302 27.54 -23.77 -1.85
C ILE B 302 27.81 -25.03 -2.68
N GLU B 303 28.50 -24.85 -3.80
CA GLU B 303 28.75 -25.95 -4.72
C GLU B 303 29.78 -26.95 -4.22
N GLU B 304 30.75 -26.48 -3.44
CA GLU B 304 31.80 -27.36 -2.93
C GLU B 304 31.34 -28.07 -1.66
N GLU B 305 30.38 -27.50 -0.96
CA GLU B 305 29.85 -28.11 0.25
C GLU B 305 28.69 -29.05 -0.08
N LYS B 306 28.31 -29.05 -1.36
CA LYS B 306 27.26 -29.93 -1.87
C LYS B 306 25.93 -29.78 -1.13
N SER B 307 25.63 -28.56 -0.71
CA SER B 307 24.37 -28.28 -0.02
C SER B 307 23.20 -28.28 -0.99
N LEU B 308 23.52 -28.15 -2.28
CA LEU B 308 22.51 -28.19 -3.33
C LEU B 308 21.83 -29.55 -3.36
N ASP B 309 22.56 -30.57 -2.91
CA ASP B 309 22.03 -31.92 -2.80
C ASP B 309 20.90 -31.99 -1.77
N TYR B 310 20.98 -31.16 -0.74
CA TYR B 310 19.93 -31.13 0.28
C TYR B 310 18.62 -30.62 -0.32
N THR B 311 18.73 -29.59 -1.16
CA THR B 311 17.58 -29.05 -1.86
C THR B 311 16.95 -30.12 -2.74
N ARG B 312 17.81 -30.86 -3.45
CA ARG B 312 17.37 -31.96 -4.31
C ARG B 312 16.58 -33.00 -3.53
N SER B 313 17.02 -33.25 -2.29
CA SER B 313 16.39 -34.24 -1.43
C SER B 313 15.00 -33.79 -1.00
N VAL B 314 14.88 -32.53 -0.59
CA VAL B 314 13.60 -31.98 -0.14
C VAL B 314 12.58 -31.94 -1.27
N MET B 315 13.03 -31.52 -2.45
CA MET B 315 12.16 -31.44 -3.62
C MET B 315 11.63 -32.81 -4.04
N MET B 316 12.49 -33.83 -3.97
CA MET B 316 12.09 -35.18 -4.33
C MET B 316 11.03 -35.72 -3.38
N ASP B 317 11.21 -35.44 -2.09
CA ASP B 317 10.24 -35.82 -1.08
C ASP B 317 8.95 -35.02 -1.23
N LEU B 318 9.10 -33.77 -1.66
CA LEU B 318 7.95 -32.90 -1.85
C LEU B 318 7.11 -33.37 -3.04
N HIS B 319 7.79 -33.88 -4.06
CA HIS B 319 7.12 -34.42 -5.24
C HIS B 319 6.33 -35.68 -4.89
N VAL B 320 6.87 -36.47 -3.96
CA VAL B 320 6.21 -37.69 -3.49
C VAL B 320 4.91 -37.33 -2.76
N GLN B 321 4.99 -36.36 -1.86
CA GLN B 321 3.81 -35.90 -1.13
C GLN B 321 2.76 -35.34 -2.08
N LEU B 322 3.20 -34.53 -3.04
CA LEU B 322 2.29 -33.87 -3.97
C LEU B 322 1.63 -34.84 -4.94
N ARG B 323 2.38 -35.82 -5.43
CA ARG B 323 1.81 -36.83 -6.32
C ARG B 323 0.75 -37.65 -5.60
N ALA B 324 0.96 -37.86 -4.30
CA ALA B 324 -0.01 -38.58 -3.49
C ALA B 324 -1.28 -37.75 -3.29
N GLU B 325 -1.10 -36.44 -3.16
CA GLU B 325 -2.22 -35.54 -2.91
C GLU B 325 -3.10 -35.41 -4.15
N ILE B 326 -2.46 -35.35 -5.32
CA ILE B 326 -3.17 -35.29 -6.60
C ILE B 326 -4.01 -36.55 -6.80
N GLY B 327 -3.42 -37.70 -6.46
CA GLY B 327 -4.10 -38.98 -6.60
C GLY B 327 -5.37 -39.08 -5.77
N ARG B 328 -5.29 -38.61 -4.53
CA ARG B 328 -6.45 -38.61 -3.63
C ARG B 328 -7.59 -37.77 -4.20
N ILE B 329 -7.23 -36.66 -4.84
CA ILE B 329 -8.23 -35.77 -5.44
C ILE B 329 -8.74 -36.35 -6.76
N GLU B 330 -7.86 -37.03 -7.49
CA GLU B 330 -8.25 -37.71 -8.72
C GLU B 330 -9.20 -38.87 -8.45
N ILE B 331 -9.31 -39.27 -7.19
CA ILE B 331 -10.16 -40.38 -6.78
C ILE B 331 -11.44 -39.88 -6.12
N LEU B 332 -11.33 -38.81 -5.34
CA LEU B 332 -12.50 -38.17 -4.73
C LEU B 332 -13.41 -37.67 -5.84
N LEU B 333 -12.84 -36.93 -6.79
CA LEU B 333 -13.50 -36.72 -8.08
C LEU B 333 -13.18 -37.90 -9.00
N ASP B 334 -13.94 -38.05 -10.07
CA ASP B 334 -13.60 -39.09 -11.04
C ASP B 334 -12.84 -38.45 -12.19
N SER B 335 -11.79 -37.71 -11.85
CA SER B 335 -11.07 -36.91 -12.83
C SER B 335 -9.55 -36.96 -12.67
N PRO B 336 -8.87 -37.69 -13.56
CA PRO B 336 -7.41 -37.64 -13.63
C PRO B 336 -6.95 -36.27 -14.11
N ASN B 337 -5.88 -35.74 -13.54
CA ASN B 337 -5.43 -34.40 -13.86
C ASN B 337 -3.98 -34.39 -14.35
N PRO B 338 -3.76 -34.75 -15.62
CA PRO B 338 -2.41 -34.76 -16.19
C PRO B 338 -1.81 -33.36 -16.27
N ALA B 339 -2.66 -32.34 -16.30
CA ALA B 339 -2.21 -30.96 -16.33
C ALA B 339 -1.53 -30.58 -15.01
N MET B 340 -2.12 -30.99 -13.90
CA MET B 340 -1.56 -30.69 -12.59
C MET B 340 -0.29 -31.48 -12.33
N ARG B 341 -0.26 -32.73 -12.82
CA ARG B 341 0.90 -33.58 -12.64
C ARG B 341 2.07 -33.11 -13.49
N LEU B 342 1.76 -32.63 -14.69
CA LEU B 342 2.78 -32.08 -15.59
C LEU B 342 3.43 -30.86 -14.95
N LEU B 343 2.59 -30.00 -14.39
CA LEU B 343 3.03 -28.79 -13.69
C LEU B 343 3.97 -29.15 -12.55
N LEU B 344 3.62 -30.20 -11.81
CA LEU B 344 4.43 -30.69 -10.71
C LEU B 344 5.80 -31.13 -11.21
N GLU B 345 5.79 -31.94 -12.27
CA GLU B 345 7.01 -32.52 -12.81
C GLU B 345 7.96 -31.45 -13.37
N LEU B 346 7.39 -30.37 -13.89
CA LEU B 346 8.19 -29.30 -14.48
C LEU B 346 8.88 -28.45 -13.42
N LEU B 347 8.34 -28.50 -12.21
CA LEU B 347 8.97 -27.82 -11.07
C LEU B 347 10.10 -28.68 -10.52
N ARG B 348 11.15 -28.85 -11.34
CA ARG B 348 12.27 -29.72 -10.98
C ARG B 348 13.45 -28.90 -10.47
N VAL B 349 14.33 -29.56 -9.72
CA VAL B 349 15.50 -28.90 -9.16
C VAL B 349 16.79 -29.44 -9.81
#